data_8U2P
#
_entry.id   8U2P
#
_cell.length_a   124.293
_cell.length_b   124.293
_cell.length_c   131.383
_cell.angle_alpha   90.00
_cell.angle_beta   90.00
_cell.angle_gamma   120.00
#
_symmetry.space_group_name_H-M   'P 61 2 2'
#
loop_
_entity.id
_entity.type
_entity.pdbx_description
1 polymer 'Glycine--tRNA ligase'
2 non-polymer "5'-O-(glycylsulfamoyl)adenosine"
3 non-polymer IMIDAZOLE
4 non-polymer '2-(N-MORPHOLINO)-ETHANESULFONIC ACID'
5 non-polymer 1,2-ETHANEDIOL
6 non-polymer 'MAGNESIUM ION'
7 non-polymer 'CHLORIDE ION'
8 water water
#
_entity_poly.entity_id   1
_entity_poly.type   'polypeptide(L)'
_entity_poly.pdbx_seq_one_letter_code
;MHHHHHHHHGGGGMHHPVAPVIDTVVNLAKRRGFVYPSGEIYGGTKSAWDYGPLGVELKENIKRQWWRSVVTGRDDVVGI
DSSIILPREVWVASGHVDVFHDPLVESLITHKRYRADHLIEAYEAKHGHPPPNGLADIRDPETGEPGQWTQPREFNMMLK
TYLGPIETEEGLHYLRPETAQGIFVNFANVVTTARKKPPFGIGQIGKSFRNEITPGNFIFRTREFEQMEMEFFVEPATAK
EWHQYWIDNRLQWYIDLGIRRENLRLWEHPKDKLSHYSDRTVDIEYKFGFMGNPWGELEGVANRTDFDLSTHARHSGVDL
SFYDQINDVRYTPYVIEPAAGLTRSFMAFLIDAYTEDEAPNTKGGMDKRTVLRLDPRLAPVKAAVLPLSRHADLSPKARD
LGAELRKCWNIDFDDAGAIGRRYRRQDEVGTPFCVTVDFDSLQDNAVTVRERDAMTQDRVAMSSVADYLAVRLKGS
;
_entity_poly.pdbx_strand_id   A
#
loop_
_chem_comp.id
_chem_comp.type
_chem_comp.name
_chem_comp.formula
CL non-polymer 'CHLORIDE ION' 'Cl -1'
EDO non-polymer 1,2-ETHANEDIOL 'C2 H6 O2'
G5A non-polymer 5'-O-(glycylsulfamoyl)adenosine 'C12 H17 N7 O7 S'
IMD non-polymer IMIDAZOLE 'C3 H5 N2 1'
MES non-polymer '2-(N-MORPHOLINO)-ETHANESULFONIC ACID' 'C6 H13 N O4 S'
MG non-polymer 'MAGNESIUM ION' 'Mg 2'
#
# COMPACT_ATOMS: atom_id res chain seq x y z
N PRO A 20 19.32 16.11 -3.57
CA PRO A 20 18.77 14.98 -2.82
C PRO A 20 17.57 14.36 -3.52
N VAL A 21 17.70 13.09 -3.92
CA VAL A 21 16.65 12.44 -4.70
C VAL A 21 15.32 12.52 -3.97
N ILE A 22 15.33 12.35 -2.65
CA ILE A 22 14.07 12.27 -1.91
C ILE A 22 13.32 13.60 -2.01
N ASP A 23 14.03 14.71 -1.87
CA ASP A 23 13.40 16.03 -2.02
C ASP A 23 12.89 16.22 -3.45
N THR A 24 13.68 15.80 -4.44
CA THR A 24 13.26 15.92 -5.83
C THR A 24 12.00 15.08 -6.10
N VAL A 25 11.88 13.93 -5.45
CA VAL A 25 10.72 13.07 -5.67
C VAL A 25 9.50 13.63 -4.97
N VAL A 26 9.66 14.13 -3.74
CA VAL A 26 8.54 14.75 -3.04
C VAL A 26 7.97 15.89 -3.86
N ASN A 27 8.84 16.77 -4.35
CA ASN A 27 8.37 17.92 -5.13
C ASN A 27 7.69 17.47 -6.41
N LEU A 28 8.19 16.40 -7.04
CA LEU A 28 7.50 15.83 -8.19
C LEU A 28 6.10 15.35 -7.81
N ALA A 29 5.99 14.62 -6.69
CA ALA A 29 4.68 14.11 -6.27
C ALA A 29 3.68 15.24 -6.09
N LYS A 30 4.09 16.32 -5.41
CA LYS A 30 3.21 17.46 -5.23
C LYS A 30 2.87 18.10 -6.57
N ARG A 31 3.89 18.33 -7.40
CA ARG A 31 3.73 19.10 -8.61
C ARG A 31 2.80 18.41 -9.61
N ARG A 32 2.81 17.08 -9.68
CA ARG A 32 2.00 16.35 -10.64
C ARG A 32 0.74 15.77 -10.04
N GLY A 33 0.46 16.08 -8.77
CA GLY A 33 -0.79 15.63 -8.17
C GLY A 33 -0.79 14.20 -7.69
N PHE A 34 0.36 13.63 -7.37
CA PHE A 34 0.35 12.39 -6.60
C PHE A 34 -0.19 12.65 -5.21
N VAL A 35 0.13 13.82 -4.63
CA VAL A 35 -0.35 14.18 -3.30
C VAL A 35 -0.57 15.68 -3.27
N TYR A 36 -1.47 16.11 -2.40
CA TYR A 36 -1.65 17.49 -2.01
C TYR A 36 -1.64 17.56 -0.49
N PRO A 37 -1.15 18.66 0.09
CA PRO A 37 -1.33 18.87 1.53
C PRO A 37 -2.82 18.99 1.85
N SER A 38 -3.27 18.23 2.85
CA SER A 38 -4.68 18.28 3.22
C SER A 38 -5.05 19.66 3.72
N GLY A 39 -6.17 20.19 3.22
CA GLY A 39 -6.61 21.52 3.62
C GLY A 39 -5.56 22.58 3.35
N GLU A 40 -4.84 22.47 2.24
CA GLU A 40 -3.75 23.40 1.94
C GLU A 40 -4.20 24.85 2.03
N ILE A 41 -5.43 25.15 1.58
CA ILE A 41 -5.88 26.53 1.54
C ILE A 41 -6.10 27.13 2.93
N TYR A 42 -6.16 26.29 3.98
CA TYR A 42 -6.30 26.77 5.34
C TYR A 42 -5.04 26.61 6.16
N GLY A 43 -3.94 26.18 5.55
CA GLY A 43 -2.70 25.95 6.28
C GLY A 43 -2.31 24.49 6.27
N GLY A 44 -3.22 23.61 6.72
CA GLY A 44 -3.00 22.19 6.63
C GLY A 44 -2.59 21.54 7.94
N THR A 45 -3.21 20.40 8.27
CA THR A 45 -2.82 19.62 9.42
C THR A 45 -1.37 19.16 9.27
N LYS A 46 -0.72 18.89 10.41
CA LYS A 46 0.69 18.53 10.43
C LYS A 46 0.95 17.28 9.60
N SER A 47 1.64 17.44 8.48
CA SER A 47 1.96 16.35 7.57
C SER A 47 0.74 15.46 7.33
N ALA A 48 -0.39 16.10 7.09
CA ALA A 48 -1.58 15.43 6.56
C ALA A 48 -1.59 15.65 5.06
N TRP A 49 -1.89 14.59 4.32
CA TRP A 49 -1.75 14.61 2.87
C TRP A 49 -2.94 13.96 2.21
N ASP A 50 -3.45 14.60 1.17
CA ASP A 50 -4.44 14.03 0.29
C ASP A 50 -3.73 13.42 -0.91
N TYR A 51 -4.34 12.40 -1.49
CA TYR A 51 -3.81 11.76 -2.69
C TYR A 51 -4.59 12.26 -3.89
N GLY A 52 -3.87 12.84 -4.86
CA GLY A 52 -4.48 13.43 -6.03
C GLY A 52 -4.79 12.38 -7.08
N PRO A 53 -5.22 12.84 -8.26
CA PRO A 53 -5.62 11.88 -9.30
C PRO A 53 -4.60 10.78 -9.57
N LEU A 54 -3.32 11.14 -9.73
CA LEU A 54 -2.31 10.12 -9.95
C LEU A 54 -2.07 9.29 -8.69
N GLY A 55 -2.14 9.93 -7.52
CA GLY A 55 -1.82 9.24 -6.28
C GLY A 55 -2.83 8.17 -5.92
N VAL A 56 -4.12 8.48 -6.08
CA VAL A 56 -5.14 7.51 -5.70
C VAL A 56 -5.03 6.26 -6.57
N GLU A 57 -4.71 6.43 -7.85
CA GLU A 57 -4.54 5.27 -8.73
C GLU A 57 -3.31 4.44 -8.34
N LEU A 58 -2.19 5.11 -8.05
CA LEU A 58 -1.01 4.38 -7.59
C LEU A 58 -1.28 3.68 -6.27
N LYS A 59 -1.93 4.37 -5.33
CA LYS A 59 -2.26 3.76 -4.05
C LYS A 59 -3.16 2.54 -4.24
N GLU A 60 -4.20 2.67 -5.06
CA GLU A 60 -5.08 1.54 -5.33
C GLU A 60 -4.32 0.39 -6.00
N ASN A 61 -3.43 0.72 -6.94
CA ASN A 61 -2.66 -0.32 -7.59
C ASN A 61 -1.77 -1.07 -6.60
N ILE A 62 -1.21 -0.34 -5.62
CA ILE A 62 -0.42 -1.01 -4.59
C ILE A 62 -1.32 -1.92 -3.77
N LYS A 63 -2.51 -1.44 -3.39
CA LYS A 63 -3.44 -2.27 -2.62
C LYS A 63 -3.82 -3.53 -3.38
N ARG A 64 -4.08 -3.40 -4.68
CA ARG A 64 -4.44 -4.56 -5.49
C ARG A 64 -3.34 -5.60 -5.48
N GLN A 65 -2.08 -5.16 -5.61
CA GLN A 65 -0.97 -6.11 -5.64
C GLN A 65 -0.78 -6.78 -4.28
N TRP A 66 -0.98 -6.04 -3.19
CA TRP A 66 -0.88 -6.66 -1.87
C TRP A 66 -2.01 -7.64 -1.66
N TRP A 67 -3.24 -7.23 -1.96
CA TRP A 67 -4.38 -8.11 -1.76
C TRP A 67 -4.25 -9.39 -2.58
N ARG A 68 -3.84 -9.26 -3.84
CA ARG A 68 -3.65 -10.44 -4.69
C ARG A 68 -2.55 -11.35 -4.14
N SER A 69 -1.44 -10.77 -3.70
CA SER A 69 -0.30 -11.58 -3.28
C SER A 69 -0.56 -12.23 -1.93
N VAL A 70 -1.19 -11.51 -1.01
CA VAL A 70 -1.28 -11.98 0.37
C VAL A 70 -2.62 -12.67 0.61
N VAL A 71 -3.66 -12.26 -0.10
CA VAL A 71 -5.01 -12.77 0.19
C VAL A 71 -5.57 -13.61 -0.95
N THR A 72 -6.11 -12.96 -1.99
CA THR A 72 -6.93 -13.70 -2.96
C THR A 72 -6.11 -14.64 -3.82
N GLY A 73 -4.83 -14.34 -4.04
CA GLY A 73 -3.98 -15.23 -4.80
C GLY A 73 -3.54 -16.47 -4.04
N ARG A 74 -3.83 -16.56 -2.74
CA ARG A 74 -3.46 -17.68 -1.91
C ARG A 74 -4.69 -18.50 -1.53
N ASP A 75 -4.47 -19.78 -1.26
CA ASP A 75 -5.54 -20.67 -0.81
C ASP A 75 -5.66 -20.74 0.70
N ASP A 76 -4.80 -20.04 1.46
CA ASP A 76 -4.78 -20.17 2.90
C ASP A 76 -4.94 -18.83 3.61
N VAL A 77 -5.41 -17.80 2.93
CA VAL A 77 -5.64 -16.49 3.53
C VAL A 77 -6.98 -15.97 3.04
N VAL A 78 -7.75 -15.40 3.97
CA VAL A 78 -9.00 -14.70 3.65
C VAL A 78 -8.89 -13.29 4.18
N GLY A 79 -9.81 -12.44 3.73
CA GLY A 79 -9.77 -11.04 4.11
C GLY A 79 -10.90 -10.63 5.03
N ILE A 80 -10.75 -9.47 5.66
CA ILE A 80 -11.84 -8.80 6.36
C ILE A 80 -11.61 -7.29 6.26
N ASP A 81 -12.61 -6.53 6.70
CA ASP A 81 -12.52 -5.07 6.77
C ASP A 81 -13.27 -4.66 8.05
N SER A 82 -12.53 -4.57 9.15
CA SER A 82 -13.13 -4.23 10.43
C SER A 82 -13.14 -2.72 10.64
N SER A 83 -13.93 -2.29 11.62
CA SER A 83 -14.22 -0.88 11.80
C SER A 83 -13.05 -0.13 12.40
N ILE A 84 -12.90 1.12 11.99
CA ILE A 84 -11.90 1.99 12.58
C ILE A 84 -12.15 2.14 14.08
N ILE A 85 -13.42 2.23 14.48
CA ILE A 85 -13.82 2.48 15.85
C ILE A 85 -14.45 1.21 16.39
N LEU A 86 -13.74 0.54 17.29
CA LEU A 86 -14.21 -0.66 17.96
C LEU A 86 -14.64 -0.34 19.37
N PRO A 87 -15.27 -1.29 20.06
CA PRO A 87 -15.54 -1.08 21.50
C PRO A 87 -14.24 -0.80 22.24
N ARG A 88 -14.34 0.12 23.21
CA ARG A 88 -13.15 0.56 23.94
C ARG A 88 -12.44 -0.63 24.59
N GLU A 89 -13.20 -1.61 25.09
CA GLU A 89 -12.57 -2.72 25.80
C GLU A 89 -11.58 -3.47 24.92
N VAL A 90 -11.68 -3.36 23.60
CA VAL A 90 -10.71 -4.00 22.72
C VAL A 90 -9.30 -3.51 23.05
N TRP A 91 -9.15 -2.21 23.27
CA TRP A 91 -7.83 -1.59 23.44
C TRP A 91 -7.36 -1.62 24.88
N VAL A 92 -8.25 -1.88 25.84
CA VAL A 92 -7.81 -2.25 27.18
C VAL A 92 -7.25 -3.67 27.17
N ALA A 93 -7.98 -4.60 26.56
CA ALA A 93 -7.54 -5.99 26.53
C ALA A 93 -6.25 -6.15 25.76
N SER A 94 -6.10 -5.41 24.65
CA SER A 94 -4.89 -5.51 23.86
C SER A 94 -3.67 -4.95 24.59
N GLY A 95 -3.88 -4.18 25.66
CA GLY A 95 -2.80 -3.54 26.37
C GLY A 95 -2.44 -2.16 25.87
N HIS A 96 -2.99 -1.73 24.73
CA HIS A 96 -2.63 -0.43 24.18
C HIS A 96 -2.96 0.70 25.15
N VAL A 97 -4.09 0.59 25.86
CA VAL A 97 -4.45 1.62 26.83
C VAL A 97 -3.35 1.81 27.86
N ASP A 98 -2.70 0.71 28.26
CA ASP A 98 -1.75 0.78 29.37
C ASP A 98 -0.37 1.21 28.92
N VAL A 99 0.12 0.70 27.79
CA VAL A 99 1.53 0.83 27.43
C VAL A 99 1.75 1.61 26.14
N PHE A 100 0.70 1.97 25.39
CA PHE A 100 0.89 2.63 24.10
C PHE A 100 1.03 4.14 24.33
N HIS A 101 2.17 4.51 24.90
CA HIS A 101 2.48 5.89 25.23
C HIS A 101 3.97 6.12 25.06
N ASP A 102 4.35 7.40 24.90
CA ASP A 102 5.75 7.78 24.78
C ASP A 102 6.03 8.96 25.71
N PRO A 103 7.21 9.02 26.32
CA PRO A 103 7.55 10.15 27.18
C PRO A 103 8.01 11.35 26.36
N LEU A 104 7.59 12.54 26.79
CA LEU A 104 7.82 13.74 26.02
C LEU A 104 7.92 14.94 26.95
N VAL A 105 8.30 16.08 26.38
CA VAL A 105 8.40 17.33 27.12
C VAL A 105 8.40 18.50 26.14
N ARG A 153 6.77 13.39 31.19
CA ARG A 153 5.38 12.94 31.29
C ARG A 153 5.05 11.94 30.19
N GLU A 154 4.26 10.92 30.55
CA GLU A 154 3.86 9.89 29.61
C GLU A 154 2.55 10.27 28.94
N PHE A 155 2.49 10.08 27.62
CA PHE A 155 1.38 10.55 26.79
C PHE A 155 0.90 9.41 25.90
N ASN A 156 -0.36 9.03 26.05
CA ASN A 156 -0.93 7.99 25.21
C ASN A 156 -1.11 8.50 23.78
N MET A 157 -0.75 7.66 22.82
CA MET A 157 -0.71 8.06 21.41
C MET A 157 -1.97 7.69 20.65
N MET A 158 -2.97 7.13 21.31
CA MET A 158 -4.23 6.83 20.64
C MET A 158 -5.12 8.05 20.57
N LEU A 159 -5.76 8.24 19.41
CA LEU A 159 -6.74 9.31 19.25
C LEU A 159 -8.08 8.89 19.84
N LYS A 160 -8.76 9.87 20.43
CA LYS A 160 -10.01 9.62 21.13
C LYS A 160 -11.16 10.30 20.41
N THR A 161 -12.35 9.72 20.57
CA THR A 161 -13.58 10.32 20.10
C THR A 161 -14.68 9.90 21.05
N TYR A 162 -15.82 10.58 20.96
CA TYR A 162 -16.96 10.32 21.83
C TYR A 162 -18.17 10.04 20.96
N LEU A 163 -18.80 8.89 21.20
CA LEU A 163 -19.98 8.47 20.47
C LEU A 163 -21.20 8.66 21.35
N GLY A 164 -22.33 8.96 20.72
CA GLY A 164 -23.57 9.14 21.43
C GLY A 164 -23.77 10.56 21.90
N PRO A 165 -24.95 10.83 22.50
CA PRO A 165 -25.28 12.22 22.86
C PRO A 165 -24.50 12.76 24.05
N ILE A 166 -23.98 11.90 24.93
CA ILE A 166 -23.30 12.35 26.14
C ILE A 166 -21.80 12.24 25.92
N GLU A 167 -21.07 13.28 26.33
CA GLU A 167 -19.62 13.27 26.30
C GLU A 167 -19.01 12.74 27.60
N THR A 168 -19.81 12.05 28.43
CA THR A 168 -19.29 11.36 29.59
C THR A 168 -18.16 10.42 29.17
N GLU A 169 -17.28 10.06 30.10
CA GLU A 169 -16.32 8.99 29.83
C GLU A 169 -17.03 7.65 29.79
N GLU A 170 -18.07 7.55 28.95
CA GLU A 170 -18.85 6.35 28.75
C GLU A 170 -19.02 6.10 27.26
N GLY A 171 -19.18 7.17 26.50
CA GLY A 171 -19.11 7.14 25.06
C GLY A 171 -17.71 7.28 24.51
N LEU A 172 -16.69 7.24 25.38
CA LEU A 172 -15.31 7.36 24.94
C LEU A 172 -14.92 6.15 24.11
N HIS A 173 -14.31 6.40 22.95
CA HIS A 173 -13.76 5.35 22.11
C HIS A 173 -12.40 5.80 21.60
N TYR A 174 -11.61 4.84 21.14
CA TYR A 174 -10.34 5.11 20.50
C TYR A 174 -10.43 4.77 19.03
N LEU A 175 -9.89 5.65 18.19
CA LEU A 175 -9.58 5.26 16.82
C LEU A 175 -8.46 4.24 16.85
N ARG A 176 -8.56 3.22 16.03
CA ARG A 176 -7.61 2.12 16.10
C ARG A 176 -6.21 2.62 15.77
N PRO A 177 -5.20 2.31 16.60
CA PRO A 177 -3.81 2.58 16.20
C PRO A 177 -3.21 1.49 15.34
N GLU A 178 -3.86 0.34 15.23
CA GLU A 178 -3.48 -0.73 14.31
C GLU A 178 -4.75 -1.44 13.88
N THR A 179 -4.69 -2.10 12.73
CA THR A 179 -5.84 -2.86 12.26
C THR A 179 -5.86 -4.28 12.82
N ALA A 180 -4.79 -4.71 13.48
CA ALA A 180 -4.68 -6.11 13.88
C ALA A 180 -5.80 -6.54 14.82
N GLN A 181 -6.21 -5.67 15.75
CA GLN A 181 -7.14 -6.10 16.78
C GLN A 181 -8.51 -6.44 16.21
N GLY A 182 -8.93 -5.77 15.14
CA GLY A 182 -10.18 -6.13 14.50
C GLY A 182 -10.14 -7.51 13.88
N ILE A 183 -8.94 -7.99 13.55
CA ILE A 183 -8.79 -9.36 13.05
C ILE A 183 -8.87 -10.35 14.21
N PHE A 184 -8.14 -10.08 15.29
CA PHE A 184 -8.06 -11.04 16.39
C PHE A 184 -9.43 -11.31 16.99
N VAL A 185 -10.21 -10.26 17.28
CA VAL A 185 -11.50 -10.46 17.92
C VAL A 185 -12.49 -11.17 17.01
N ASN A 186 -12.18 -11.28 15.72
CA ASN A 186 -13.01 -12.00 14.76
C ASN A 186 -12.45 -13.37 14.42
N PHE A 187 -11.41 -13.81 15.11
CA PHE A 187 -10.76 -15.07 14.76
C PHE A 187 -11.76 -16.21 14.75
N ALA A 188 -12.59 -16.32 15.78
CA ALA A 188 -13.54 -17.43 15.85
C ALA A 188 -14.63 -17.27 14.79
N ASN A 189 -15.08 -16.04 14.55
CA ASN A 189 -16.04 -15.80 13.49
C ASN A 189 -15.52 -16.29 12.15
N VAL A 190 -14.28 -15.97 11.83
CA VAL A 190 -13.74 -16.31 10.51
C VAL A 190 -13.50 -17.81 10.40
N VAL A 191 -12.96 -18.43 11.46
CA VAL A 191 -12.83 -19.88 11.45
C VAL A 191 -14.17 -20.53 11.13
N THR A 192 -15.25 -19.99 11.71
CA THR A 192 -16.57 -20.58 11.54
C THR A 192 -17.08 -20.41 10.11
N THR A 193 -17.13 -19.17 9.61
CA THR A 193 -17.80 -18.94 8.34
C THR A 193 -16.91 -19.30 7.14
N ALA A 194 -15.59 -19.14 7.27
CA ALA A 194 -14.67 -19.49 6.19
C ALA A 194 -14.16 -20.92 6.30
N ARG A 195 -14.42 -21.60 7.41
CA ARG A 195 -14.01 -23.00 7.59
C ARG A 195 -12.50 -23.18 7.37
N LYS A 196 -11.72 -22.32 8.01
CA LYS A 196 -10.28 -22.38 7.89
C LYS A 196 -9.67 -23.06 9.11
N LYS A 197 -8.52 -23.68 8.89
CA LYS A 197 -7.76 -24.38 9.90
C LYS A 197 -6.31 -23.91 9.82
N PRO A 198 -5.64 -23.72 10.96
CA PRO A 198 -4.24 -23.32 10.93
C PRO A 198 -3.41 -24.37 10.21
N PRO A 199 -2.39 -23.97 9.43
CA PRO A 199 -1.93 -22.59 9.18
C PRO A 199 -2.77 -21.81 8.15
N PHE A 200 -3.39 -20.71 8.56
CA PHE A 200 -4.11 -19.84 7.65
C PHE A 200 -4.03 -18.41 8.17
N GLY A 201 -4.35 -17.46 7.31
CA GLY A 201 -4.24 -16.05 7.65
C GLY A 201 -5.51 -15.28 7.41
N ILE A 202 -5.56 -14.08 8.01
CA ILE A 202 -6.63 -13.10 7.79
C ILE A 202 -5.97 -11.77 7.48
N GLY A 203 -6.26 -11.23 6.29
CA GLY A 203 -5.64 -10.00 5.84
C GLY A 203 -6.59 -8.83 5.80
N GLN A 204 -6.05 -7.62 5.81
CA GLN A 204 -6.88 -6.43 5.90
C GLN A 204 -6.09 -5.20 5.50
N ILE A 205 -6.76 -4.26 4.84
CA ILE A 205 -6.20 -2.95 4.52
C ILE A 205 -7.15 -1.90 5.06
N GLY A 206 -6.60 -0.89 5.75
CA GLY A 206 -7.46 0.15 6.27
C GLY A 206 -6.68 1.24 6.98
N LYS A 207 -7.42 2.26 7.41
CA LYS A 207 -6.85 3.41 8.09
C LYS A 207 -6.53 3.09 9.55
N SER A 208 -5.39 3.60 10.02
CA SER A 208 -5.06 3.61 11.43
C SER A 208 -4.65 5.03 11.84
N PHE A 209 -4.69 5.29 13.14
CA PHE A 209 -4.48 6.64 13.65
C PHE A 209 -3.57 6.60 14.86
N ARG A 210 -2.58 7.49 14.87
CA ARG A 210 -1.66 7.61 16.00
C ARG A 210 -1.29 9.07 16.19
N ASN A 211 -1.31 9.51 17.45
CA ASN A 211 -1.00 10.91 17.78
C ASN A 211 0.51 11.10 17.85
N GLU A 212 1.13 10.95 16.67
CA GLU A 212 2.58 11.11 16.57
C GLU A 212 2.99 12.48 17.10
N ILE A 213 4.05 12.49 17.90
CA ILE A 213 4.51 13.74 18.52
C ILE A 213 5.21 14.62 17.49
N THR A 214 6.07 14.01 16.66
CA THR A 214 6.85 14.72 15.65
C THR A 214 6.49 14.18 14.27
N PRO A 215 5.30 14.50 13.76
CA PRO A 215 4.93 14.03 12.42
C PRO A 215 5.67 14.81 11.34
N GLY A 216 6.14 14.08 10.33
CA GLY A 216 6.90 14.71 9.26
C GLY A 216 7.45 13.72 8.25
N ASN A 217 8.61 14.07 7.68
CA ASN A 217 9.21 13.31 6.58
C ASN A 217 8.18 12.96 5.52
N PHE A 218 7.41 13.98 5.12
CA PHE A 218 6.44 13.82 4.03
C PHE A 218 5.31 12.92 4.49
N ILE A 219 5.06 11.81 3.80
CA ILE A 219 4.01 10.88 4.18
C ILE A 219 4.57 9.69 4.96
N PHE A 220 5.85 9.75 5.35
CA PHE A 220 6.45 8.63 6.07
C PHE A 220 5.84 8.47 7.46
N ARG A 221 5.60 9.57 8.16
CA ARG A 221 5.07 9.54 9.52
C ARG A 221 3.95 10.57 9.62
N THR A 222 2.70 10.08 9.59
CA THR A 222 1.53 10.94 9.67
C THR A 222 0.61 10.42 10.78
N ARG A 223 -0.32 11.28 11.20
CA ARG A 223 -1.25 10.86 12.24
C ARG A 223 -2.36 9.97 11.67
N GLU A 224 -2.69 10.14 10.39
CA GLU A 224 -3.64 9.31 9.69
C GLU A 224 -2.89 8.62 8.57
N PHE A 225 -2.92 7.28 8.56
CA PHE A 225 -2.22 6.52 7.55
C PHE A 225 -2.95 5.21 7.33
N GLU A 226 -2.55 4.48 6.30
CA GLU A 226 -3.17 3.22 5.94
C GLU A 226 -2.16 2.09 6.06
N GLN A 227 -2.63 0.96 6.59
CA GLN A 227 -1.81 -0.22 6.79
C GLN A 227 -2.35 -1.38 5.97
N MET A 228 -1.45 -2.33 5.68
CA MET A 228 -1.80 -3.59 5.04
C MET A 228 -1.26 -4.69 5.95
N GLU A 229 -2.13 -5.27 6.76
CA GLU A 229 -1.74 -6.19 7.81
C GLU A 229 -2.41 -7.54 7.59
N MET A 230 -1.68 -8.60 7.90
CA MET A 230 -2.21 -9.95 7.85
C MET A 230 -1.74 -10.67 9.11
N GLU A 231 -2.66 -11.41 9.73
CA GLU A 231 -2.34 -12.23 10.90
C GLU A 231 -2.39 -13.68 10.44
N PHE A 232 -1.24 -14.35 10.49
CA PHE A 232 -1.13 -15.73 10.05
C PHE A 232 -1.13 -16.63 11.27
N PHE A 233 -2.20 -17.41 11.43
CA PHE A 233 -2.39 -18.24 12.61
C PHE A 233 -1.84 -19.64 12.35
N VAL A 234 -0.94 -20.09 13.22
CA VAL A 234 -0.20 -21.33 13.00
C VAL A 234 -0.14 -22.15 14.28
N GLU A 235 0.15 -23.44 14.12
CA GLU A 235 0.45 -24.29 15.25
C GLU A 235 1.71 -23.74 15.95
N PRO A 236 1.67 -23.52 17.27
CA PRO A 236 2.80 -22.83 17.92
C PRO A 236 4.18 -23.36 17.56
N ALA A 237 4.35 -24.69 17.50
CA ALA A 237 5.68 -25.24 17.25
C ALA A 237 6.19 -24.95 15.85
N THR A 238 5.34 -24.44 14.96
CA THR A 238 5.75 -24.11 13.60
C THR A 238 6.00 -22.62 13.39
N ALA A 239 5.90 -21.82 14.44
CA ALA A 239 5.91 -20.37 14.27
C ALA A 239 7.23 -19.87 13.69
N LYS A 240 8.34 -20.45 14.13
CA LYS A 240 9.64 -19.92 13.73
C LYS A 240 9.85 -20.07 12.22
N GLU A 241 9.53 -21.23 11.66
CA GLU A 241 9.71 -21.40 10.22
C GLU A 241 8.70 -20.56 9.43
N TRP A 242 7.50 -20.36 9.96
CA TRP A 242 6.55 -19.46 9.30
C TRP A 242 6.97 -18.02 9.42
N HIS A 243 7.66 -17.66 10.51
CA HIS A 243 8.21 -16.30 10.60
C HIS A 243 9.23 -16.08 9.51
N GLN A 244 10.12 -17.06 9.30
CA GLN A 244 11.10 -16.94 8.21
C GLN A 244 10.40 -16.90 6.86
N TYR A 245 9.39 -17.74 6.66
CA TYR A 245 8.67 -17.75 5.39
C TYR A 245 8.11 -16.37 5.05
N TRP A 246 7.46 -15.73 6.01
CA TRP A 246 6.77 -14.49 5.70
C TRP A 246 7.73 -13.32 5.59
N ILE A 247 8.84 -13.35 6.32
CA ILE A 247 9.90 -12.36 6.09
C ILE A 247 10.36 -12.43 4.64
N ASP A 248 10.69 -13.63 4.17
CA ASP A 248 11.17 -13.78 2.80
C ASP A 248 10.09 -13.43 1.79
N ASN A 249 8.86 -13.88 2.04
CA ASN A 249 7.78 -13.64 1.08
C ASN A 249 7.49 -12.15 0.93
N ARG A 250 7.51 -11.42 2.03
CA ARG A 250 7.17 -10.00 1.99
C ARG A 250 8.31 -9.20 1.38
N LEU A 251 9.54 -9.46 1.81
CA LEU A 251 10.69 -8.79 1.21
C LEU A 251 10.66 -8.93 -0.31
N GLN A 252 10.38 -10.15 -0.78
CA GLN A 252 10.41 -10.40 -2.21
C GLN A 252 9.26 -9.73 -2.95
N TRP A 253 8.15 -9.45 -2.24
CA TRP A 253 7.04 -8.74 -2.86
C TRP A 253 7.47 -7.37 -3.38
N TYR A 254 8.23 -6.63 -2.58
CA TYR A 254 8.70 -5.32 -3.02
C TYR A 254 9.62 -5.44 -4.23
N ILE A 255 10.52 -6.43 -4.21
CA ILE A 255 11.46 -6.61 -5.31
C ILE A 255 10.73 -7.01 -6.60
N ASP A 256 9.75 -7.90 -6.48
CA ASP A 256 8.96 -8.28 -7.64
C ASP A 256 8.29 -7.08 -8.29
N LEU A 257 7.91 -6.08 -7.49
CA LEU A 257 7.25 -4.89 -8.01
C LEU A 257 8.23 -3.78 -8.37
N GLY A 258 9.53 -4.05 -8.37
CA GLY A 258 10.49 -3.20 -9.04
C GLY A 258 11.49 -2.48 -8.14
N ILE A 259 11.37 -2.60 -6.83
CA ILE A 259 12.32 -1.93 -5.95
C ILE A 259 13.65 -2.66 -6.01
N ARG A 260 14.73 -1.91 -6.17
CA ARG A 260 16.05 -2.52 -6.34
C ARG A 260 16.48 -3.22 -5.06
N ARG A 261 16.88 -4.48 -5.20
CA ARG A 261 17.24 -5.30 -4.04
C ARG A 261 18.21 -4.60 -3.11
N GLU A 262 19.11 -3.78 -3.65
CA GLU A 262 20.15 -3.20 -2.81
C GLU A 262 19.64 -2.08 -1.92
N ASN A 263 18.45 -1.54 -2.19
CA ASN A 263 17.88 -0.48 -1.36
C ASN A 263 16.93 -1.02 -0.31
N LEU A 264 16.93 -2.33 -0.08
CA LEU A 264 16.14 -2.96 0.97
C LEU A 264 17.08 -3.73 1.90
N ARG A 265 16.68 -3.83 3.16
CA ARG A 265 17.44 -4.62 4.11
C ARG A 265 16.52 -5.08 5.23
N LEU A 266 17.01 -6.04 6.01
CA LEU A 266 16.30 -6.55 7.17
C LEU A 266 16.97 -6.06 8.44
N TRP A 267 16.16 -5.66 9.42
CA TRP A 267 16.67 -5.19 10.70
C TRP A 267 15.86 -5.88 11.80
N GLU A 268 16.56 -6.55 12.71
CA GLU A 268 15.91 -7.23 13.82
C GLU A 268 15.85 -6.30 15.03
N HIS A 269 14.66 -6.19 15.61
CA HIS A 269 14.50 -5.36 16.80
C HIS A 269 15.31 -5.96 17.94
N PRO A 270 16.07 -5.16 18.69
CA PRO A 270 16.58 -5.63 19.98
C PRO A 270 15.42 -5.90 20.92
N LYS A 271 15.60 -6.87 21.82
CA LYS A 271 14.52 -7.27 22.71
C LYS A 271 13.97 -6.09 23.50
N ASP A 272 14.75 -5.02 23.70
CA ASP A 272 14.26 -3.85 24.40
C ASP A 272 13.51 -2.88 23.50
N LYS A 273 13.52 -3.10 22.19
CA LYS A 273 12.78 -2.28 21.24
C LYS A 273 11.58 -3.03 20.67
N LEU A 274 11.13 -4.09 21.33
CA LEU A 274 9.98 -4.87 20.90
C LEU A 274 8.69 -4.26 21.43
N SER A 275 7.68 -4.16 20.56
CA SER A 275 6.35 -3.80 21.01
C SER A 275 5.85 -4.83 22.03
N HIS A 276 4.87 -4.39 22.83
CA HIS A 276 4.40 -5.23 23.94
C HIS A 276 3.75 -6.53 23.47
N TYR A 277 3.39 -6.65 22.20
CA TYR A 277 2.70 -7.82 21.68
C TYR A 277 3.63 -8.80 20.96
N SER A 278 4.92 -8.49 20.81
CA SER A 278 5.81 -9.26 19.97
C SER A 278 6.98 -9.86 20.75
N ASP A 279 7.30 -11.11 20.45
CA ASP A 279 8.50 -11.76 20.94
C ASP A 279 9.69 -11.61 20.01
N ARG A 280 9.44 -11.27 18.74
CA ARG A 280 10.51 -11.07 17.78
C ARG A 280 9.91 -10.34 16.58
N THR A 281 10.52 -9.23 16.20
CA THR A 281 10.08 -8.46 15.04
C THR A 281 11.28 -8.24 14.13
N VAL A 282 11.08 -8.44 12.83
CA VAL A 282 12.07 -8.13 11.82
C VAL A 282 11.45 -7.10 10.90
N ASP A 283 12.12 -5.96 10.74
CA ASP A 283 11.64 -4.88 9.89
C ASP A 283 12.27 -4.97 8.51
N ILE A 284 11.45 -4.82 7.49
CA ILE A 284 11.94 -4.55 6.15
C ILE A 284 12.12 -3.04 6.05
N GLU A 285 13.35 -2.61 5.82
CA GLU A 285 13.70 -1.20 5.75
C GLU A 285 14.04 -0.82 4.32
N TYR A 286 13.68 0.39 3.92
CA TYR A 286 14.02 0.92 2.61
C TYR A 286 14.94 2.11 2.76
N LYS A 287 15.86 2.27 1.79
CA LYS A 287 16.84 3.36 1.82
C LYS A 287 16.18 4.61 1.22
N PHE A 288 15.35 5.26 2.04
CA PHE A 288 14.58 6.41 1.56
C PHE A 288 15.50 7.56 1.14
N GLY A 289 16.63 7.71 1.81
CA GLY A 289 17.48 8.86 1.60
C GLY A 289 17.31 9.97 2.62
N PHE A 290 16.76 9.68 3.80
CA PHE A 290 16.61 10.70 4.83
C PHE A 290 17.95 11.31 5.19
N MET A 291 17.90 12.55 5.68
CA MET A 291 19.09 13.17 6.24
C MET A 291 19.51 12.44 7.50
N GLY A 292 20.81 12.21 7.65
CA GLY A 292 21.31 11.39 8.74
C GLY A 292 21.33 9.91 8.36
N ASN A 293 20.51 9.12 9.03
CA ASN A 293 20.34 7.72 8.65
C ASN A 293 19.31 7.63 7.53
N PRO A 294 19.70 7.20 6.32
CA PRO A 294 18.76 7.20 5.20
C PRO A 294 17.79 6.03 5.18
N TRP A 295 17.87 5.12 6.13
CA TRP A 295 17.00 3.95 6.16
C TRP A 295 15.78 4.21 7.03
N GLY A 296 14.67 3.61 6.63
CA GLY A 296 13.43 3.75 7.38
C GLY A 296 12.61 2.48 7.30
N GLU A 297 11.85 2.23 8.37
CA GLU A 297 10.99 1.06 8.43
C GLU A 297 9.96 1.12 7.31
N LEU A 298 9.93 0.07 6.50
CA LEU A 298 8.91 -0.08 5.47
C LEU A 298 7.79 -1.01 5.90
N GLU A 299 8.12 -2.07 6.64
CA GLU A 299 7.14 -3.06 7.05
C GLU A 299 7.75 -3.86 8.20
N GLY A 300 6.89 -4.26 9.13
CA GLY A 300 7.29 -5.09 10.25
C GLY A 300 6.65 -6.46 10.14
N VAL A 301 7.46 -7.50 10.31
CA VAL A 301 7.00 -8.88 10.39
C VAL A 301 7.30 -9.39 11.78
N ALA A 302 6.26 -9.56 12.59
CA ALA A 302 6.41 -9.89 14.01
C ALA A 302 5.86 -11.27 14.31
N ASN A 303 6.46 -11.92 15.30
CA ASN A 303 5.91 -13.13 15.92
C ASN A 303 5.19 -12.68 17.18
N ARG A 304 3.87 -12.61 17.12
CA ARG A 304 3.07 -12.17 18.26
C ARG A 304 2.65 -13.32 19.16
N THR A 305 3.23 -14.51 18.96
CA THR A 305 2.91 -15.72 19.72
C THR A 305 1.39 -15.83 19.90
N ASP A 306 0.93 -16.24 21.08
CA ASP A 306 -0.49 -16.32 21.36
C ASP A 306 -0.98 -15.15 22.21
N PHE A 307 -0.22 -14.06 22.23
CA PHE A 307 -0.54 -12.95 23.12
C PHE A 307 -1.94 -12.39 22.86
N ASP A 308 -2.29 -12.17 21.60
CA ASP A 308 -3.49 -11.40 21.27
C ASP A 308 -4.76 -12.21 21.49
N LEU A 309 -4.78 -13.45 21.02
CA LEU A 309 -5.96 -14.29 21.23
C LEU A 309 -6.13 -14.61 22.70
N SER A 310 -5.03 -14.84 23.42
CA SER A 310 -5.13 -15.15 24.84
C SER A 310 -5.72 -13.98 25.62
N THR A 311 -5.27 -12.77 25.35
CA THR A 311 -5.72 -11.64 26.17
C THR A 311 -7.17 -11.29 25.86
N HIS A 312 -7.63 -11.50 24.63
CA HIS A 312 -9.03 -11.24 24.33
C HIS A 312 -9.93 -12.34 24.85
N ALA A 313 -9.46 -13.60 24.84
CA ALA A 313 -10.20 -14.67 25.50
C ALA A 313 -10.32 -14.39 26.99
N ARG A 314 -9.24 -13.91 27.61
CA ARG A 314 -9.24 -13.67 29.04
C ARG A 314 -10.14 -12.50 29.39
N HIS A 315 -10.11 -11.43 28.59
CA HIS A 315 -10.88 -10.23 28.93
C HIS A 315 -12.35 -10.37 28.53
N SER A 316 -12.63 -11.04 27.41
CA SER A 316 -14.00 -11.16 26.94
C SER A 316 -14.74 -12.36 27.52
N GLY A 317 -14.02 -13.39 27.94
CA GLY A 317 -14.65 -14.62 28.37
C GLY A 317 -15.03 -15.55 27.25
N VAL A 318 -14.64 -15.24 26.01
CA VAL A 318 -14.95 -16.06 24.84
C VAL A 318 -13.75 -16.93 24.51
N ASP A 319 -13.99 -18.21 24.30
CA ASP A 319 -12.92 -19.14 23.91
C ASP A 319 -12.48 -18.83 22.49
N LEU A 320 -11.24 -18.38 22.33
CA LEU A 320 -10.68 -18.10 21.02
C LEU A 320 -9.63 -19.14 20.61
N SER A 321 -9.61 -20.29 21.27
CA SER A 321 -8.72 -21.36 20.85
C SER A 321 -9.25 -21.99 19.56
N PHE A 322 -8.41 -22.83 18.96
CA PHE A 322 -8.80 -23.59 17.78
C PHE A 322 -8.89 -25.07 18.13
N TYR A 323 -9.95 -25.71 17.68
CA TYR A 323 -10.15 -27.14 17.89
C TYR A 323 -9.74 -27.88 16.61
N ASP A 324 -8.68 -28.67 16.71
CA ASP A 324 -8.23 -29.51 15.60
C ASP A 324 -9.02 -30.81 15.68
N GLN A 325 -10.14 -30.86 14.97
CA GLN A 325 -11.01 -32.04 15.01
C GLN A 325 -10.23 -33.31 14.71
N ILE A 326 -9.31 -33.25 13.74
CA ILE A 326 -8.62 -34.45 13.30
C ILE A 326 -7.89 -35.10 14.47
N ASN A 327 -7.03 -34.35 15.14
CA ASN A 327 -6.23 -34.85 16.24
C ASN A 327 -6.86 -34.58 17.60
N ASP A 328 -8.14 -34.22 17.63
CA ASP A 328 -8.86 -33.87 18.85
C ASP A 328 -7.95 -33.14 19.84
N VAL A 329 -7.35 -32.03 19.41
CA VAL A 329 -6.50 -31.21 20.25
C VAL A 329 -6.97 -29.76 20.15
N ARG A 330 -6.96 -29.06 21.28
CA ARG A 330 -7.35 -27.67 21.37
C ARG A 330 -6.14 -26.86 21.78
N TYR A 331 -5.83 -25.81 21.00
CA TYR A 331 -4.69 -24.97 21.29
C TYR A 331 -4.97 -23.57 20.79
N THR A 332 -4.29 -22.59 21.36
CA THR A 332 -4.38 -21.22 20.88
C THR A 332 -3.28 -20.98 19.86
N PRO A 333 -3.60 -20.65 18.61
CA PRO A 333 -2.55 -20.51 17.59
C PRO A 333 -1.57 -19.40 17.91
N TYR A 334 -0.33 -19.59 17.47
CA TYR A 334 0.60 -18.47 17.40
C TYR A 334 0.30 -17.65 16.16
N VAL A 335 0.82 -16.42 16.13
CA VAL A 335 0.51 -15.46 15.09
C VAL A 335 1.81 -14.88 14.54
N ILE A 336 2.01 -15.02 13.23
CA ILE A 336 3.01 -14.28 12.48
C ILE A 336 2.28 -13.17 11.73
N GLU A 337 2.79 -11.94 11.83
CA GLU A 337 2.08 -10.77 11.33
C GLU A 337 2.96 -9.91 10.43
N PRO A 338 2.79 -9.98 9.11
CA PRO A 338 3.34 -8.93 8.24
C PRO A 338 2.43 -7.71 8.30
N ALA A 339 3.00 -6.57 8.65
CA ALA A 339 2.24 -5.32 8.80
C ALA A 339 2.97 -4.25 8.00
N ALA A 340 2.44 -3.94 6.82
CA ALA A 340 3.07 -2.99 5.92
C ALA A 340 2.36 -1.63 5.98
N GLY A 341 3.11 -0.58 5.63
CA GLY A 341 2.55 0.74 5.51
C GLY A 341 2.22 1.05 4.07
N LEU A 342 0.93 1.21 3.78
CA LEU A 342 0.53 1.53 2.41
C LEU A 342 1.13 2.85 1.96
N THR A 343 1.03 3.87 2.80
CA THR A 343 1.51 5.19 2.40
C THR A 343 3.03 5.27 2.38
N ARG A 344 3.71 4.46 3.21
CA ARG A 344 5.17 4.41 3.16
C ARG A 344 5.65 3.65 1.93
N SER A 345 4.98 2.55 1.60
CA SER A 345 5.30 1.83 0.37
C SER A 345 5.11 2.74 -0.85
N PHE A 346 4.00 3.50 -0.86
CA PHE A 346 3.78 4.52 -1.88
C PHE A 346 5.02 5.40 -2.02
N MET A 347 5.55 5.88 -0.89
CA MET A 347 6.73 6.73 -0.91
C MET A 347 7.95 5.98 -1.46
N ALA A 348 8.10 4.70 -1.09
CA ALA A 348 9.28 3.94 -1.48
C ALA A 348 9.27 3.65 -2.98
N PHE A 349 8.11 3.27 -3.54
CA PHE A 349 8.04 2.97 -4.97
C PHE A 349 8.35 4.19 -5.81
N LEU A 350 7.88 5.36 -5.40
CA LEU A 350 8.19 6.57 -6.14
C LEU A 350 9.68 6.86 -6.10
N ILE A 351 10.26 6.90 -4.89
CA ILE A 351 11.68 7.21 -4.75
C ILE A 351 12.51 6.25 -5.59
N ASP A 352 12.24 4.95 -5.48
CA ASP A 352 13.08 3.97 -6.16
C ASP A 352 12.90 4.02 -7.67
N ALA A 353 11.71 4.41 -8.14
CA ALA A 353 11.47 4.49 -9.57
C ALA A 353 12.12 5.72 -10.20
N TYR A 354 12.36 6.77 -9.42
CA TYR A 354 12.81 8.04 -9.98
C TYR A 354 14.16 7.89 -10.65
N THR A 355 14.27 8.42 -11.87
CA THR A 355 15.43 8.20 -12.72
C THR A 355 15.69 9.43 -13.56
N GLU A 356 16.95 9.85 -13.61
CA GLU A 356 17.42 10.94 -14.47
C GLU A 356 18.41 10.33 -15.45
N ASP A 357 17.91 9.85 -16.59
CA ASP A 357 18.74 9.21 -17.60
C ASP A 357 19.72 10.19 -18.22
N ASP A 367 21.37 16.05 -23.60
CA ASP A 367 20.14 15.29 -23.78
C ASP A 367 19.80 14.48 -22.54
N LYS A 368 19.07 15.10 -21.60
CA LYS A 368 18.67 14.47 -20.35
C LYS A 368 17.18 14.14 -20.38
N ARG A 369 16.77 13.27 -19.47
CA ARG A 369 15.36 12.88 -19.38
C ARG A 369 15.05 12.44 -17.96
N THR A 370 13.86 12.82 -17.48
CA THR A 370 13.35 12.40 -16.18
C THR A 370 12.30 11.32 -16.41
N VAL A 371 12.51 10.15 -15.83
CA VAL A 371 11.62 9.01 -16.00
C VAL A 371 11.28 8.44 -14.64
N LEU A 372 10.00 8.21 -14.40
CA LEU A 372 9.52 7.49 -13.23
C LEU A 372 9.32 6.04 -13.66
N ARG A 373 10.28 5.18 -13.34
CA ARG A 373 10.29 3.81 -13.85
C ARG A 373 9.49 2.88 -12.93
N LEU A 374 8.19 3.14 -12.86
CA LEU A 374 7.30 2.32 -12.07
C LEU A 374 6.95 1.03 -12.81
N ASP A 375 6.90 -0.07 -12.08
CA ASP A 375 6.34 -1.30 -12.62
C ASP A 375 5.02 -0.97 -13.31
N PRO A 376 4.79 -1.43 -14.54
CA PRO A 376 3.55 -1.07 -15.23
C PRO A 376 2.29 -1.48 -14.48
N ARG A 377 2.39 -2.48 -13.59
CA ARG A 377 1.24 -2.83 -12.77
C ARG A 377 0.93 -1.75 -11.74
N LEU A 378 1.93 -0.97 -11.33
CA LEU A 378 1.70 0.11 -10.37
C LEU A 378 1.42 1.45 -11.03
N ALA A 379 1.91 1.68 -12.25
CA ALA A 379 1.79 2.98 -12.88
C ALA A 379 0.33 3.44 -12.84
N PRO A 380 0.05 4.68 -12.43
CA PRO A 380 -1.35 5.10 -12.32
C PRO A 380 -2.03 5.27 -13.67
N VAL A 381 -1.31 5.72 -14.68
CA VAL A 381 -1.83 5.84 -16.04
C VAL A 381 -1.14 4.78 -16.90
N LYS A 382 -1.93 3.86 -17.46
CA LYS A 382 -1.34 2.75 -18.20
C LYS A 382 -0.95 3.16 -19.62
N ALA A 383 -1.68 4.10 -20.23
CA ALA A 383 -1.37 4.52 -21.58
C ALA A 383 -1.92 5.92 -21.80
N ALA A 384 -1.22 6.67 -22.63
CA ALA A 384 -1.63 8.02 -23.02
C ALA A 384 -1.88 8.05 -24.52
N VAL A 385 -3.06 8.55 -24.90
CA VAL A 385 -3.40 8.75 -26.30
C VAL A 385 -3.03 10.18 -26.67
N LEU A 386 -2.11 10.32 -27.62
CA LEU A 386 -1.56 11.63 -28.00
C LEU A 386 -1.70 11.86 -29.50
N PRO A 387 -2.69 12.63 -29.95
CA PRO A 387 -2.70 13.01 -31.37
C PRO A 387 -1.51 13.90 -31.68
N LEU A 388 -0.92 13.69 -32.87
CA LEU A 388 0.26 14.45 -33.24
C LEU A 388 0.04 15.95 -33.10
N SER A 389 -1.19 16.40 -33.34
CA SER A 389 -1.54 17.81 -33.19
C SER A 389 -3.01 17.90 -32.86
N ARG A 390 -3.48 19.13 -32.63
CA ARG A 390 -4.89 19.38 -32.37
C ARG A 390 -5.75 19.32 -33.63
N HIS A 391 -5.19 18.85 -34.75
CA HIS A 391 -5.90 18.86 -36.02
C HIS A 391 -7.25 18.15 -35.90
N ALA A 392 -8.27 18.76 -36.51
CA ALA A 392 -9.62 18.25 -36.38
C ALA A 392 -9.79 16.87 -37.00
N ASP A 393 -8.86 16.44 -37.85
CA ASP A 393 -8.94 15.12 -38.45
C ASP A 393 -8.30 14.03 -37.58
N LEU A 394 -7.39 14.40 -36.68
CA LEU A 394 -6.78 13.42 -35.80
C LEU A 394 -7.67 13.10 -34.60
N SER A 395 -8.33 14.13 -34.05
CA SER A 395 -9.17 13.96 -32.87
C SER A 395 -10.15 12.78 -32.97
N PRO A 396 -10.94 12.64 -34.04
CA PRO A 396 -11.93 11.55 -34.07
C PRO A 396 -11.33 10.17 -33.84
N LYS A 397 -10.29 9.80 -34.61
CA LYS A 397 -9.70 8.48 -34.47
C LYS A 397 -9.03 8.32 -33.11
N ALA A 398 -8.38 9.37 -32.61
CA ALA A 398 -7.70 9.28 -31.34
C ALA A 398 -8.69 9.17 -30.18
N ARG A 399 -9.80 9.90 -30.26
CA ARG A 399 -10.77 9.86 -29.16
C ARG A 399 -11.52 8.54 -29.14
N ASP A 400 -11.79 7.96 -30.30
CA ASP A 400 -12.40 6.63 -30.33
C ASP A 400 -11.47 5.59 -29.71
N LEU A 401 -10.17 5.74 -29.90
CA LEU A 401 -9.22 4.80 -29.31
C LEU A 401 -9.17 4.96 -27.79
N GLY A 402 -9.07 6.21 -27.32
CA GLY A 402 -9.10 6.43 -25.89
C GLY A 402 -10.34 5.87 -25.22
N ALA A 403 -11.50 6.06 -25.86
CA ALA A 403 -12.74 5.51 -25.32
C ALA A 403 -12.68 4.00 -25.23
N GLU A 404 -12.04 3.36 -26.21
CA GLU A 404 -11.91 1.90 -26.18
C GLU A 404 -10.98 1.46 -25.06
N LEU A 405 -9.82 2.11 -24.93
CA LEU A 405 -8.86 1.69 -23.92
C LEU A 405 -9.35 1.98 -22.50
N ARG A 406 -10.19 3.01 -22.33
CA ARG A 406 -10.71 3.32 -21.01
C ARG A 406 -11.64 2.24 -20.48
N LYS A 407 -12.14 1.37 -21.36
CA LYS A 407 -12.95 0.25 -20.89
C LYS A 407 -12.13 -0.69 -20.02
N CYS A 408 -10.82 -0.75 -20.23
CA CYS A 408 -9.95 -1.68 -19.53
C CYS A 408 -8.97 -1.02 -18.56
N TRP A 409 -8.50 0.19 -18.85
CA TRP A 409 -7.45 0.79 -18.03
C TRP A 409 -7.71 2.27 -17.83
N ASN A 410 -7.01 2.82 -16.85
CA ASN A 410 -6.93 4.27 -16.69
C ASN A 410 -5.97 4.81 -17.75
N ILE A 411 -6.48 5.69 -18.62
CA ILE A 411 -5.68 6.26 -19.68
C ILE A 411 -5.85 7.76 -19.67
N ASP A 412 -4.91 8.44 -20.33
CA ASP A 412 -4.86 9.88 -20.38
C ASP A 412 -4.94 10.32 -21.84
N PHE A 413 -5.52 11.49 -22.07
CA PHE A 413 -5.63 12.09 -23.39
C PHE A 413 -5.04 13.49 -23.32
N ASP A 414 -4.10 13.79 -24.21
CA ASP A 414 -3.39 15.06 -24.18
C ASP A 414 -3.01 15.43 -25.61
N ASP A 415 -3.56 16.54 -26.11
CA ASP A 415 -3.24 17.05 -27.44
C ASP A 415 -2.61 18.44 -27.37
N ALA A 416 -2.19 18.87 -26.19
CA ALA A 416 -1.70 20.22 -25.96
C ALA A 416 -0.18 20.24 -26.08
N GLY A 417 0.33 21.02 -27.04
CA GLY A 417 1.75 21.26 -27.14
C GLY A 417 2.47 20.25 -28.01
N ALA A 418 3.78 20.49 -28.14
CA ALA A 418 4.62 19.63 -28.96
C ALA A 418 4.57 18.20 -28.45
N ILE A 419 4.34 17.26 -29.37
CA ILE A 419 4.24 15.84 -29.00
C ILE A 419 5.46 15.41 -28.19
N GLY A 420 6.62 15.97 -28.49
CA GLY A 420 7.82 15.62 -27.75
C GLY A 420 7.70 15.93 -26.27
N ARG A 421 7.15 17.09 -25.94
CA ARG A 421 6.98 17.44 -24.54
C ARG A 421 5.89 16.60 -23.88
N ARG A 422 4.92 16.12 -24.66
CA ARG A 422 3.87 15.28 -24.08
C ARG A 422 4.41 13.90 -23.74
N TYR A 423 5.27 13.34 -24.59
CA TYR A 423 5.99 12.13 -24.22
C TYR A 423 6.69 12.32 -22.88
N ARG A 424 7.43 13.43 -22.74
CA ARG A 424 8.19 13.66 -21.52
C ARG A 424 7.27 13.86 -20.33
N ARG A 425 6.13 14.52 -20.55
CA ARG A 425 5.16 14.69 -19.47
C ARG A 425 4.69 13.34 -18.93
N GLN A 426 4.44 12.38 -19.84
CA GLN A 426 4.00 11.06 -19.39
C GLN A 426 5.13 10.28 -18.73
N ASP A 427 6.35 10.36 -19.28
CA ASP A 427 7.47 9.66 -18.66
C ASP A 427 7.66 10.07 -17.21
N GLU A 428 7.43 11.35 -16.92
CA GLU A 428 7.65 11.88 -15.58
C GLU A 428 6.72 11.27 -14.54
N VAL A 429 5.57 10.72 -14.94
CA VAL A 429 4.64 10.09 -14.02
C VAL A 429 4.55 8.59 -14.25
N GLY A 430 5.47 8.01 -15.02
CA GLY A 430 5.60 6.58 -15.12
C GLY A 430 4.70 5.89 -16.12
N THR A 431 3.99 6.63 -16.95
CA THR A 431 3.11 6.00 -17.93
C THR A 431 3.92 5.05 -18.81
N PRO A 432 3.62 3.75 -18.82
CA PRO A 432 4.48 2.82 -19.58
C PRO A 432 4.36 2.97 -21.09
N PHE A 433 3.25 3.48 -21.63
CA PHE A 433 3.07 3.52 -23.06
C PHE A 433 2.39 4.81 -23.49
N CYS A 434 2.88 5.38 -24.59
CA CYS A 434 2.22 6.48 -25.28
C CYS A 434 1.81 5.99 -26.66
N VAL A 435 0.61 6.39 -27.09
CA VAL A 435 0.03 5.95 -28.34
C VAL A 435 -0.27 7.18 -29.18
N THR A 436 0.49 7.36 -30.26
CA THR A 436 0.41 8.57 -31.06
C THR A 436 -0.43 8.32 -32.32
N VAL A 437 -1.41 9.18 -32.52
CA VAL A 437 -2.28 9.14 -33.69
C VAL A 437 -1.82 10.26 -34.61
N ASP A 438 -1.12 9.89 -35.68
CA ASP A 438 -0.54 10.86 -36.60
C ASP A 438 -1.38 10.92 -37.89
N PHE A 439 -0.93 11.74 -38.84
CA PHE A 439 -1.66 11.89 -40.08
C PHE A 439 -1.65 10.61 -40.91
N ASP A 440 -0.58 9.83 -40.82
CA ASP A 440 -0.54 8.55 -41.54
C ASP A 440 -1.59 7.58 -41.02
N SER A 441 -2.08 7.79 -39.79
CA SER A 441 -3.07 6.87 -39.21
C SER A 441 -4.37 6.86 -39.99
N LEU A 442 -4.66 7.92 -40.74
CA LEU A 442 -5.92 8.02 -41.47
C LEU A 442 -5.90 7.27 -42.80
N GLN A 443 -4.73 6.89 -43.30
CA GLN A 443 -4.62 6.12 -44.53
C GLN A 443 -4.35 4.64 -44.30
N ASP A 444 -3.80 4.26 -43.14
CA ASP A 444 -3.51 2.86 -42.84
C ASP A 444 -4.23 2.33 -41.59
N ASN A 445 -4.88 3.20 -40.82
CA ASN A 445 -5.68 2.78 -39.66
C ASN A 445 -4.82 2.07 -38.62
N ALA A 446 -3.60 2.57 -38.42
CA ALA A 446 -2.70 2.08 -37.40
C ALA A 446 -2.10 3.27 -36.65
N VAL A 447 -1.54 2.98 -35.48
CA VAL A 447 -0.97 4.01 -34.61
C VAL A 447 0.40 3.56 -34.14
N THR A 448 1.10 4.49 -33.50
CA THR A 448 2.45 4.30 -33.01
C THR A 448 2.42 4.17 -31.50
N VAL A 449 3.02 3.09 -30.99
CA VAL A 449 3.09 2.83 -29.55
C VAL A 449 4.54 3.02 -29.11
N ARG A 450 4.73 3.87 -28.11
CA ARG A 450 6.06 4.20 -27.59
C ARG A 450 6.21 3.62 -26.19
N GLU A 451 7.28 2.85 -25.99
CA GLU A 451 7.58 2.29 -24.68
C GLU A 451 8.36 3.31 -23.85
N ARG A 452 7.97 3.45 -22.59
CA ARG A 452 8.51 4.51 -21.74
C ARG A 452 10.02 4.40 -21.58
N ASP A 453 10.49 3.23 -21.11
CA ASP A 453 11.89 3.10 -20.72
C ASP A 453 12.82 3.16 -21.94
N ALA A 454 12.57 2.28 -22.92
CA ALA A 454 13.44 2.19 -24.09
C ALA A 454 13.12 3.23 -25.14
N MET A 455 11.96 3.87 -25.09
CA MET A 455 11.52 4.82 -26.10
C MET A 455 11.40 4.18 -27.48
N THR A 456 11.34 2.85 -27.55
CA THR A 456 11.11 2.18 -28.81
C THR A 456 9.76 2.60 -29.38
N GLN A 457 9.54 2.24 -30.64
CA GLN A 457 8.37 2.73 -31.37
C GLN A 457 7.91 1.64 -32.33
N ASP A 458 6.71 1.11 -32.09
CA ASP A 458 6.13 0.06 -32.92
C ASP A 458 4.82 0.57 -33.52
N ARG A 459 4.60 0.24 -34.80
CA ARG A 459 3.38 0.62 -35.50
C ARG A 459 2.38 -0.52 -35.38
N VAL A 460 1.17 -0.21 -34.91
CA VAL A 460 0.20 -1.23 -34.51
C VAL A 460 -1.17 -0.89 -35.07
N ALA A 461 -1.89 -1.91 -35.53
CA ALA A 461 -3.23 -1.72 -36.06
C ALA A 461 -4.16 -1.21 -34.97
N MET A 462 -4.93 -0.17 -35.29
CA MET A 462 -5.92 0.37 -34.38
C MET A 462 -6.72 -0.73 -33.69
N SER A 463 -7.15 -1.72 -34.46
CA SER A 463 -7.98 -2.78 -33.92
C SER A 463 -7.21 -3.78 -33.08
N SER A 464 -5.89 -3.64 -32.99
CA SER A 464 -5.05 -4.55 -32.22
C SER A 464 -4.32 -3.86 -31.08
N VAL A 465 -4.64 -2.60 -30.78
CA VAL A 465 -3.92 -1.87 -29.75
C VAL A 465 -4.25 -2.42 -28.37
N ALA A 466 -5.52 -2.71 -28.11
CA ALA A 466 -5.92 -3.24 -26.81
C ALA A 466 -5.24 -4.57 -26.53
N ASP A 467 -5.18 -5.46 -27.53
CA ASP A 467 -4.45 -6.71 -27.35
C ASP A 467 -2.98 -6.44 -27.08
N TYR A 468 -2.39 -5.54 -27.87
CA TYR A 468 -0.97 -5.23 -27.71
C TYR A 468 -0.66 -4.76 -26.30
N LEU A 469 -1.52 -3.90 -25.74
CA LEU A 469 -1.28 -3.38 -24.39
C LEU A 469 -1.62 -4.40 -23.32
N ALA A 470 -2.68 -5.19 -23.52
CA ALA A 470 -3.07 -6.17 -22.51
C ALA A 470 -1.93 -7.14 -22.22
N VAL A 471 -1.26 -7.62 -23.27
CA VAL A 471 -0.15 -8.56 -23.09
C VAL A 471 0.94 -7.92 -22.24
N ARG A 472 1.16 -6.62 -22.39
CA ARG A 472 2.25 -5.94 -21.69
C ARG A 472 1.85 -5.36 -20.35
N LEU A 473 0.56 -5.35 -20.02
CA LEU A 473 0.07 -4.88 -18.73
C LEU A 473 -0.49 -6.00 -17.87
N LYS A 474 -0.23 -7.25 -18.22
CA LYS A 474 -0.82 -8.37 -17.48
C LYS A 474 -0.43 -8.30 -16.02
N GLY A 475 -1.40 -8.55 -15.15
CA GLY A 475 -1.22 -8.45 -13.72
C GLY A 475 -1.71 -7.16 -13.11
N SER A 476 -2.06 -6.17 -13.93
CA SER A 476 -2.54 -4.89 -13.43
C SER A 476 -3.78 -5.02 -12.56
C G5A B . 1.92 -2.71 13.59
N G5A B . 0.13 -4.25 13.61
O G5A B . 1.17 -1.77 13.62
S G5A B . 3.96 -1.04 13.26
N1 G5A B . 2.66 6.91 9.51
C2 G5A B . 2.75 6.13 8.44
N3 G5A B . 2.96 4.83 8.39
C4 G5A B . 3.07 4.30 9.60
C5 G5A B . 2.98 4.98 10.81
C6 G5A B . 2.76 6.37 10.73
N6 G5A B . 2.66 7.15 11.80
N7 G5A B . 3.14 4.13 11.87
C8 G5A B . 3.31 2.97 11.32
N9 G5A B . 3.28 2.99 9.95
CA G5A B . 1.53 -4.15 13.73
C1' G5A B . 3.43 1.91 9.03
O1S G5A B . 5.35 -1.32 13.06
C2' G5A B . 4.87 1.47 8.75
O2' G5A B . 5.02 1.18 7.40
O2S G5A B . 3.50 -0.19 14.31
C3' G5A B . 5.03 0.27 9.68
O3' G5A B . 5.97 -0.64 9.17
N3S G5A B . 3.28 -2.54 13.42
C4' G5A B . 3.64 -0.35 9.58
O4' G5A B . 2.75 0.77 9.53
C5' G5A B . 3.32 -1.25 10.75
O5' G5A B . 3.30 -0.46 11.95
N1 IMD C . -1.30 22.63 -7.23
C2 IMD C . -1.13 22.02 -6.07
N3 IMD C . 0.00 21.34 -6.13
C4 IMD C . 0.59 21.53 -7.36
C5 IMD C . -0.25 22.35 -8.06
N1 IMD D . 4.60 12.84 -39.36
C2 IMD D . 4.06 11.64 -39.44
N3 IMD D . 2.79 11.80 -39.76
C4 IMD D . 2.51 13.14 -39.90
C5 IMD D . 3.65 13.79 -39.63
O1 MES E . 6.69 -23.17 7.53
C2 MES E . 6.87 -24.41 6.91
C3 MES E . 5.75 -24.64 5.93
N4 MES E . 5.67 -23.55 4.90
C5 MES E . 6.48 -22.33 5.20
C6 MES E . 6.91 -22.11 6.64
C7 MES E . 6.01 -24.10 3.54
C8 MES E . 7.37 -24.76 3.51
S MES E . 8.19 -24.53 1.91
O1S MES E . 8.06 -23.10 1.60
O2S MES E . 9.56 -24.98 2.18
O3S MES E . 7.44 -25.40 0.98
C1 EDO F . 10.20 -0.63 -14.08
O1 EDO F . 9.40 -1.31 -15.03
C2 EDO F . 10.11 -1.33 -12.74
O2 EDO F . 11.19 -2.23 -12.60
C1 EDO G . 16.92 2.72 11.44
O1 EDO G . 15.64 2.55 12.02
C2 EDO G . 17.66 1.41 11.42
O2 EDO G . 17.45 0.71 12.62
C1 EDO H . 10.59 0.76 14.60
O1 EDO H . 10.20 -0.56 14.28
C2 EDO H . 9.39 1.51 15.11
O2 EDO H . 8.79 0.77 16.15
MG MG I . 7.50 -0.57 13.63
CL CL J . 0.95 19.64 -13.89
CL CL K . -1.21 -20.73 -1.46
#